data_4XLL
#
_entry.id   4XLL
#
_cell.length_a   38.777
_cell.length_b   55.181
_cell.length_c   75.247
_cell.angle_alpha   90.000
_cell.angle_beta   93.920
_cell.angle_gamma   90.000
#
_symmetry.space_group_name_H-M   'P 1 21 1'
#
loop_
_entity.id
_entity.type
_entity.pdbx_description
1 polymer 'DJ-1 family protein'
2 water water
#
_entity_poly.entity_id   1
_entity_poly.type   'polypeptide(L)'
_entity_poly.pdbx_seq_one_letter_code
;GSHMAVKVLVPVAHDSEEIEAVSIIDTLRRAGAEVVVASVEDTEIVRMSRGVCVKADKLISAVENETYDCIAIPGGMPGA
ERCRDSAALTAMLKTHKAQGKLIAAI(CSD)ASPAVVLQTHGLLQGEKAVAYPCFMDQFPADMRGEGRVCVSNKIVTSVG
PSSAIEFALKLIEVLYNKEQAKKIAAQLLYAY
;
_entity_poly.pdbx_strand_id   A,B
#
# COMPACT_ATOMS: atom_id res chain seq x y z
N ALA A 5 -7.50 18.31 -15.18
CA ALA A 5 -6.47 18.40 -14.10
C ALA A 5 -7.12 18.46 -12.72
N VAL A 6 -6.77 17.49 -11.87
CA VAL A 6 -7.17 17.44 -10.49
C VAL A 6 -5.91 17.42 -9.66
N LYS A 7 -5.91 18.16 -8.56
CA LYS A 7 -4.77 18.25 -7.63
C LYS A 7 -5.12 17.80 -6.20
N VAL A 8 -4.33 16.89 -5.62
CA VAL A 8 -4.64 16.32 -4.31
C VAL A 8 -3.45 16.37 -3.39
N LEU A 9 -3.70 16.74 -2.14
CA LEU A 9 -2.68 16.73 -1.11
C LEU A 9 -2.88 15.51 -0.22
N VAL A 10 -1.83 14.77 0.01
CA VAL A 10 -1.86 13.71 1.00
C VAL A 10 -0.76 14.00 2.00
N PRO A 11 -1.14 14.49 3.21
CA PRO A 11 -0.20 14.66 4.28
C PRO A 11 0.30 13.32 4.82
N VAL A 12 1.58 13.31 5.20
CA VAL A 12 2.15 12.14 5.85
C VAL A 12 2.95 12.51 7.09
N ALA A 13 2.99 11.60 8.05
CA ALA A 13 3.62 11.85 9.31
C ALA A 13 4.33 10.60 9.73
N HIS A 14 5.27 10.73 10.67
CA HIS A 14 5.76 9.54 11.34
C HIS A 14 4.53 8.84 11.89
N ASP A 15 4.54 7.52 11.75
CA ASP A 15 3.50 6.62 12.22
C ASP A 15 2.17 6.78 11.51
N SER A 16 2.21 7.34 10.30
CA SER A 16 1.12 7.16 9.36
C SER A 16 1.02 5.68 8.88
N GLU A 17 -0.22 5.20 8.59
CA GLU A 17 -0.42 3.87 8.12
C GLU A 17 -0.02 3.77 6.61
N GLU A 18 1.01 2.98 6.35
CA GLU A 18 1.69 2.87 5.01
C GLU A 18 0.80 2.45 3.87
N ILE A 19 0.05 1.39 4.14
CA ILE A 19 -0.79 0.81 3.14
C ILE A 19 -1.77 1.88 2.76
N GLU A 20 -2.29 2.59 3.74
CA GLU A 20 -3.36 3.60 3.48
C GLU A 20 -2.78 4.83 2.73
N ALA A 21 -1.68 5.35 3.20
CA ALA A 21 -1.07 6.46 2.47
C ALA A 21 -0.77 6.18 0.97
N VAL A 22 -0.11 5.04 0.75
CA VAL A 22 0.37 4.62 -0.55
C VAL A 22 -0.78 4.18 -1.44
N SER A 23 -1.73 3.46 -0.89
CA SER A 23 -2.95 3.19 -1.63
C SER A 23 -3.64 4.46 -2.18
N ILE A 24 -3.75 5.48 -1.35
CA ILE A 24 -4.32 6.72 -1.78
C ILE A 24 -3.45 7.32 -2.88
N ILE A 25 -2.15 7.40 -2.66
CA ILE A 25 -1.28 8.13 -3.61
C ILE A 25 -1.18 7.51 -4.99
N ASP A 26 -0.99 6.20 -4.98
CA ASP A 26 -0.81 5.41 -6.16
C ASP A 26 -2.10 5.38 -6.95
N THR A 27 -3.20 5.03 -6.28
CA THR A 27 -4.48 5.01 -6.96
C THR A 27 -4.89 6.33 -7.58
N LEU A 28 -4.62 7.45 -6.93
CA LEU A 28 -5.02 8.72 -7.51
C LEU A 28 -4.16 9.08 -8.68
N ARG A 29 -2.84 8.85 -8.53
CA ARG A 29 -1.93 9.15 -9.65
C ARG A 29 -2.28 8.32 -10.86
N ARG A 30 -2.69 7.07 -10.67
CA ARG A 30 -3.14 6.27 -11.80
C ARG A 30 -4.31 6.95 -12.54
N ALA A 31 -5.17 7.68 -11.82
CA ALA A 31 -6.26 8.38 -12.43
C ALA A 31 -5.82 9.66 -13.17
N GLY A 32 -4.54 10.05 -13.04
CA GLY A 32 -3.97 11.25 -13.65
C GLY A 32 -3.87 12.44 -12.69
N ALA A 33 -4.26 12.27 -11.42
CA ALA A 33 -4.19 13.41 -10.51
C ALA A 33 -2.76 13.76 -10.26
N GLU A 34 -2.53 15.02 -10.01
CA GLU A 34 -1.29 15.47 -9.45
C GLU A 34 -1.44 15.34 -7.94
N VAL A 35 -0.68 14.44 -7.36
CA VAL A 35 -0.69 14.24 -5.93
C VAL A 35 0.58 14.79 -5.31
N VAL A 36 0.39 15.58 -4.24
CA VAL A 36 1.51 16.13 -3.49
C VAL A 36 1.53 15.47 -2.11
N VAL A 37 2.53 14.61 -1.92
CA VAL A 37 2.80 13.94 -0.67
C VAL A 37 3.61 14.93 0.12
N ALA A 38 3.02 15.38 1.22
CA ALA A 38 3.61 16.43 2.03
C ALA A 38 3.80 15.97 3.45
N SER A 39 5.06 15.94 3.86
CA SER A 39 5.45 15.62 5.24
C SER A 39 5.06 16.71 6.23
N VAL A 40 4.43 16.31 7.36
CA VAL A 40 4.15 17.25 8.44
C VAL A 40 5.26 17.22 9.46
N GLU A 41 6.37 16.55 9.16
CA GLU A 41 7.49 16.43 10.06
C GLU A 41 8.59 17.41 9.64
N ASP A 42 9.68 17.43 10.36
CA ASP A 42 10.73 18.39 9.97
C ASP A 42 11.70 17.80 8.96
N THR A 43 11.42 16.57 8.52
CA THR A 43 12.16 15.92 7.45
C THR A 43 11.16 15.51 6.41
N GLU A 44 11.63 15.47 5.17
CA GLU A 44 10.84 14.92 4.07
C GLU A 44 10.61 13.43 4.24
N ILE A 45 11.59 12.72 4.81
CA ILE A 45 11.40 11.29 5.05
C ILE A 45 10.60 11.01 6.32
N VAL A 46 9.48 10.32 6.21
CA VAL A 46 8.73 9.90 7.36
C VAL A 46 8.84 8.38 7.56
N ARG A 47 8.83 7.97 8.81
CA ARG A 47 8.94 6.60 9.21
C ARG A 47 7.54 6.19 9.62
N MET A 48 6.90 5.45 8.74
CA MET A 48 5.53 5.07 8.92
C MET A 48 5.39 3.98 9.99
N SER A 49 4.14 3.60 10.26
CA SER A 49 3.79 2.86 11.48
C SER A 49 4.46 1.51 11.57
N ARG A 50 4.64 0.85 10.43
CA ARG A 50 5.33 -0.43 10.40
C ARG A 50 6.70 -0.28 9.78
N GLY A 51 7.32 0.88 10.00
CA GLY A 51 8.72 1.10 9.64
C GLY A 51 9.02 1.37 8.18
N VAL A 52 8.02 1.41 7.30
CA VAL A 52 8.29 1.80 5.92
C VAL A 52 8.66 3.33 5.86
N CYS A 53 9.83 3.63 5.31
CA CYS A 53 10.30 5.01 5.20
C CYS A 53 9.98 5.59 3.84
N VAL A 54 9.17 6.63 3.83
CA VAL A 54 8.69 7.28 2.64
C VAL A 54 9.16 8.70 2.56
N LYS A 55 9.71 9.04 1.42
CA LYS A 55 10.28 10.33 1.25
C LYS A 55 9.22 11.12 0.57
N ALA A 56 8.66 12.08 1.30
CA ALA A 56 7.61 12.93 0.81
C ALA A 56 8.13 13.83 -0.27
N ASP A 57 7.23 14.29 -1.14
CA ASP A 57 7.57 15.22 -2.21
C ASP A 57 7.98 16.56 -1.62
N LYS A 58 7.30 16.95 -0.56
CA LYS A 58 7.41 18.30 0.01
C LYS A 58 7.19 18.25 1.53
N LEU A 59 7.74 19.22 2.22
CA LEU A 59 7.30 19.56 3.55
C LEU A 59 5.99 20.36 3.45
N ILE A 60 5.09 20.14 4.39
CA ILE A 60 3.79 20.82 4.37
C ILE A 60 3.97 22.33 4.41
N SER A 61 4.97 22.81 5.14
CA SER A 61 5.26 24.26 5.17
C SER A 61 5.45 24.84 3.77
N ALA A 62 6.01 24.07 2.84
CA ALA A 62 6.23 24.57 1.52
C ALA A 62 4.97 24.71 0.66
N VAL A 63 3.85 24.15 1.08
CA VAL A 63 2.66 24.22 0.24
C VAL A 63 1.47 24.79 0.98
N GLU A 64 1.71 25.42 2.12
CA GLU A 64 0.63 25.91 2.98
C GLU A 64 -0.30 26.87 2.30
N ASN A 65 0.20 27.66 1.38
CA ASN A 65 -0.65 28.60 0.67
C ASN A 65 -1.21 28.03 -0.61
N GLU A 66 -0.99 26.74 -0.91
CA GLU A 66 -1.47 26.18 -2.17
C GLU A 66 -2.90 25.74 -2.03
N THR A 67 -3.55 25.56 -3.17
CA THR A 67 -4.92 25.08 -3.24
C THR A 67 -5.05 23.73 -3.94
N TYR A 68 -5.85 22.83 -3.37
CA TYR A 68 -6.02 21.45 -3.83
C TYR A 68 -7.53 21.18 -3.99
N ASP A 69 -7.85 20.34 -4.94
CA ASP A 69 -9.24 19.94 -5.11
C ASP A 69 -9.64 19.01 -3.99
N CYS A 70 -8.66 18.31 -3.40
CA CYS A 70 -8.93 17.37 -2.35
C CYS A 70 -7.76 17.28 -1.43
N ILE A 71 -8.04 17.16 -0.12
CA ILE A 71 -7.02 16.79 0.85
C ILE A 71 -7.45 15.45 1.42
N ALA A 72 -6.58 14.45 1.30
CA ALA A 72 -6.90 13.07 1.67
C ALA A 72 -5.93 12.59 2.73
N ILE A 73 -6.45 12.28 3.92
CA ILE A 73 -5.64 12.01 5.13
C ILE A 73 -5.56 10.51 5.48
N PRO A 74 -4.35 9.94 5.39
CA PRO A 74 -4.08 8.59 5.85
C PRO A 74 -4.25 8.43 7.35
N GLY A 75 -4.56 7.22 7.78
CA GLY A 75 -4.70 6.90 9.23
C GLY A 75 -3.37 6.52 9.87
N GLY A 76 -3.40 5.59 10.82
CA GLY A 76 -2.22 5.22 11.58
C GLY A 76 -2.27 5.96 12.89
N MET A 77 -1.80 5.33 13.94
CA MET A 77 -1.65 6.00 15.22
C MET A 77 -0.26 5.66 15.74
N PRO A 78 0.46 6.64 16.28
CA PRO A 78 0.07 8.02 16.50
C PRO A 78 0.09 8.92 15.26
N GLY A 79 0.20 8.38 14.07
CA GLY A 79 0.26 9.23 12.89
C GLY A 79 -0.85 10.23 12.76
N ALA A 80 -2.09 9.78 12.96
CA ALA A 80 -3.21 10.69 12.87
C ALA A 80 -3.08 11.82 13.87
N GLU A 81 -2.53 11.55 15.03
CA GLU A 81 -2.37 12.62 16.01
C GLU A 81 -1.35 13.65 15.57
N ARG A 82 -0.33 13.20 14.88
CA ARG A 82 0.77 14.11 14.43
C ARG A 82 0.23 15.00 13.28
N CYS A 83 -0.66 14.44 12.44
CA CYS A 83 -1.41 15.20 11.48
C CYS A 83 -2.32 16.18 12.17
N ARG A 84 -3.09 15.71 13.14
CA ARG A 84 -3.99 16.57 13.96
C ARG A 84 -3.24 17.77 14.51
N ASP A 85 -2.04 17.54 15.02
CA ASP A 85 -1.27 18.53 15.77
C ASP A 85 -0.37 19.36 14.87
N SER A 86 -0.35 19.08 13.58
CA SER A 86 0.24 20.01 12.61
C SER A 86 -0.62 21.29 12.42
N ALA A 87 -0.06 22.43 12.79
CA ALA A 87 -0.73 23.73 12.63
C ALA A 87 -0.95 24.05 11.15
N ALA A 88 0.07 23.83 10.33
CA ALA A 88 -0.04 24.10 8.92
C ALA A 88 -1.20 23.28 8.26
N LEU A 89 -1.19 21.96 8.46
CA LEU A 89 -2.25 21.13 7.89
C LEU A 89 -3.63 21.59 8.38
N THR A 90 -3.72 21.96 9.66
CA THR A 90 -5.00 22.38 10.27
C THR A 90 -5.52 23.63 9.59
N ALA A 91 -4.64 24.58 9.37
CA ALA A 91 -5.02 25.77 8.65
C ALA A 91 -5.47 25.43 7.24
N MET A 92 -4.71 24.59 6.55
CA MET A 92 -5.11 24.16 5.18
C MET A 92 -6.48 23.50 5.16
N LEU A 93 -6.72 22.64 6.14
CA LEU A 93 -7.98 21.90 6.17
C LEU A 93 -9.11 22.88 6.34
N LYS A 94 -8.95 23.83 7.25
CA LYS A 94 -10.08 24.71 7.55
C LYS A 94 -10.41 25.60 6.36
N THR A 95 -9.38 26.06 5.66
CA THR A 95 -9.56 26.89 4.49
C THR A 95 -10.20 26.13 3.36
N HIS A 96 -9.71 24.90 3.12
CA HIS A 96 -10.24 24.06 2.03
C HIS A 96 -11.70 23.70 2.33
N LYS A 97 -12.01 23.41 3.57
CA LYS A 97 -13.37 23.10 3.96
C LYS A 97 -14.35 24.25 3.62
N ALA A 98 -13.98 25.47 4.03
CA ALA A 98 -14.80 26.66 3.74
C ALA A 98 -14.87 26.95 2.27
N GLN A 99 -13.81 26.63 1.50
CA GLN A 99 -13.81 26.80 0.04
C GLN A 99 -14.50 25.73 -0.76
N GLY A 100 -15.19 24.81 -0.10
CA GLY A 100 -15.97 23.78 -0.79
C GLY A 100 -15.16 22.67 -1.45
N LYS A 101 -13.87 22.53 -1.07
CA LYS A 101 -13.06 21.41 -1.57
C LYS A 101 -13.41 20.10 -0.87
N LEU A 102 -12.95 18.99 -1.42
CA LEU A 102 -13.22 17.66 -0.89
C LEU A 102 -12.23 17.29 0.19
N ILE A 103 -12.75 17.01 1.40
CA ILE A 103 -11.92 16.60 2.53
C ILE A 103 -12.18 15.14 2.83
N ALA A 104 -11.09 14.37 2.91
CA ALA A 104 -11.15 12.93 3.06
C ALA A 104 -10.19 12.40 4.11
N ALA A 105 -10.61 11.31 4.72
CA ALA A 105 -9.79 10.66 5.76
C ALA A 105 -10.15 9.23 5.96
N ILE A 106 -9.16 8.46 6.37
CA ILE A 106 -9.36 7.03 6.59
C ILE A 106 -8.81 6.59 7.95
N ALA A 108 -8.21 6.06 11.70
CA ALA A 108 -8.32 6.97 12.84
C ALA A 108 -8.64 8.42 12.47
N SER A 109 -8.12 8.89 11.34
CA SER A 109 -8.12 10.33 11.03
C SER A 109 -9.51 11.02 10.91
N PRO A 110 -10.56 10.27 10.54
CA PRO A 110 -11.89 10.91 10.62
C PRO A 110 -12.27 11.41 12.02
N ALA A 111 -11.86 10.69 13.06
CA ALA A 111 -12.06 11.11 14.45
C ALA A 111 -10.94 12.00 14.98
N VAL A 112 -9.70 11.58 14.80
CA VAL A 112 -8.58 12.26 15.44
C VAL A 112 -8.31 13.63 14.81
N VAL A 113 -8.41 13.68 13.50
CA VAL A 113 -8.24 14.91 12.76
C VAL A 113 -9.53 15.63 12.41
N LEU A 114 -10.46 14.98 11.71
CA LEU A 114 -11.58 15.76 11.15
C LEU A 114 -12.51 16.25 12.28
N GLN A 115 -12.91 15.35 13.14
CA GLN A 115 -13.82 15.68 14.22
C GLN A 115 -13.14 16.59 15.26
N THR A 116 -11.90 16.29 15.66
CA THR A 116 -11.20 17.17 16.58
C THR A 116 -11.28 18.64 16.12
N HIS A 117 -11.11 18.89 14.82
CA HIS A 117 -11.05 20.25 14.27
C HIS A 117 -12.41 20.80 13.80
N GLY A 118 -13.48 20.11 14.19
CA GLY A 118 -14.82 20.51 13.88
C GLY A 118 -15.15 20.50 12.39
N LEU A 119 -14.59 19.58 11.63
CA LEU A 119 -14.78 19.60 10.17
C LEU A 119 -15.92 18.71 9.70
N LEU A 120 -16.65 18.06 10.61
CA LEU A 120 -17.69 17.15 10.22
C LEU A 120 -19.06 17.64 10.60
N GLN A 121 -19.22 18.95 10.85
CA GLN A 121 -20.50 19.49 11.35
C GLN A 121 -21.60 19.33 10.34
N GLY A 122 -22.69 18.75 10.78
CA GLY A 122 -23.78 18.41 9.84
C GLY A 122 -23.55 17.24 8.88
N GLU A 123 -22.49 16.47 9.07
CA GLU A 123 -22.14 15.39 8.15
C GLU A 123 -22.25 14.02 8.85
N LYS A 124 -22.12 12.94 8.07
CA LYS A 124 -21.89 11.59 8.60
C LYS A 124 -20.51 11.12 8.25
N ALA A 125 -19.98 10.19 9.02
CA ALA A 125 -18.64 9.72 8.82
C ALA A 125 -18.50 8.36 9.44
N VAL A 126 -17.46 7.67 8.98
CA VAL A 126 -17.07 6.38 9.52
C VAL A 126 -15.55 6.49 9.85
N ALA A 127 -15.01 5.42 10.46
CA ALA A 127 -13.64 5.39 10.92
C ALA A 127 -13.35 3.99 11.34
N TYR A 128 -12.08 3.73 11.66
CA TYR A 128 -11.73 2.46 12.22
C TYR A 128 -12.67 2.20 13.41
N PRO A 129 -13.32 1.02 13.44
CA PRO A 129 -14.49 0.82 14.30
C PRO A 129 -14.29 1.27 15.76
N CYS A 130 -13.10 1.05 16.31
CA CYS A 130 -12.83 1.47 17.68
C CYS A 130 -13.01 2.97 17.86
N PHE A 131 -12.90 3.76 16.81
CA PHE A 131 -13.01 5.19 16.94
C PHE A 131 -14.43 5.69 16.68
N MET A 132 -15.38 4.81 16.41
CA MET A 132 -16.72 5.24 16.09
C MET A 132 -17.48 5.95 17.22
N ASP A 133 -17.08 5.77 18.49
CA ASP A 133 -17.69 6.53 19.59
C ASP A 133 -17.10 7.87 19.83
N GLN A 134 -16.05 8.21 19.10
CA GLN A 134 -15.52 9.59 19.10
C GLN A 134 -16.48 10.54 18.33
N PHE A 135 -17.47 9.94 17.67
CA PHE A 135 -18.51 10.65 16.93
C PHE A 135 -19.81 10.61 17.72
N PRO A 136 -20.51 11.76 17.81
CA PRO A 136 -21.88 11.75 18.32
C PRO A 136 -22.73 10.76 17.55
N ALA A 137 -23.73 10.16 18.18
CA ALA A 137 -24.53 9.14 17.49
C ALA A 137 -25.06 9.54 16.11
N ASP A 138 -25.50 10.78 15.97
CA ASP A 138 -26.13 11.24 14.71
C ASP A 138 -25.11 11.59 13.62
N MET A 139 -23.82 11.58 13.94
CA MET A 139 -22.77 11.73 12.97
C MET A 139 -22.21 10.39 12.46
N ARG A 140 -22.59 9.28 13.10
CA ARG A 140 -22.10 7.99 12.71
C ARG A 140 -22.76 7.59 11.41
N GLY A 141 -21.95 7.41 10.38
CA GLY A 141 -22.42 7.01 9.09
C GLY A 141 -22.32 5.52 8.88
N GLU A 142 -22.50 5.13 7.62
CA GLU A 142 -22.42 3.73 7.25
C GLU A 142 -21.50 3.47 6.09
N GLY A 143 -21.05 2.22 6.05
CA GLY A 143 -20.20 1.71 4.98
C GLY A 143 -18.73 1.65 5.33
N ARG A 144 -18.01 0.87 4.55
CA ARG A 144 -16.56 0.83 4.61
C ARG A 144 -16.01 2.14 4.03
N VAL A 145 -16.78 2.73 3.13
CA VAL A 145 -16.55 4.09 2.63
C VAL A 145 -17.86 4.87 2.80
N CYS A 146 -17.78 6.08 3.33
CA CYS A 146 -18.97 6.91 3.57
C CYS A 146 -18.82 8.25 2.90
N VAL A 147 -19.71 8.56 1.97
CA VAL A 147 -19.73 9.91 1.38
C VAL A 147 -20.80 10.75 2.08
N SER A 148 -20.40 11.92 2.57
CA SER A 148 -21.33 12.90 3.14
C SER A 148 -21.01 14.30 2.63
N ASN A 149 -21.78 14.71 1.60
CA ASN A 149 -21.56 15.96 0.90
C ASN A 149 -20.11 16.04 0.46
N LYS A 150 -19.34 16.96 1.00
CA LYS A 150 -17.92 17.09 0.61
C LYS A 150 -16.93 16.37 1.53
N ILE A 151 -17.45 15.47 2.35
CA ILE A 151 -16.64 14.64 3.20
C ILE A 151 -16.71 13.19 2.72
N VAL A 152 -15.52 12.59 2.61
CA VAL A 152 -15.38 11.17 2.34
C VAL A 152 -14.55 10.47 3.41
N THR A 153 -15.17 9.49 4.07
CA THR A 153 -14.42 8.77 5.08
C THR A 153 -14.43 7.26 4.85
N SER A 154 -13.49 6.57 5.51
CA SER A 154 -13.33 5.14 5.31
C SER A 154 -12.60 4.46 6.48
N VAL A 155 -12.65 3.14 6.53
CA VAL A 155 -12.48 2.38 7.80
C VAL A 155 -11.11 1.81 8.14
N GLY A 156 -10.34 1.35 7.14
CA GLY A 156 -9.02 0.81 7.43
C GLY A 156 -8.18 0.37 6.25
N PRO A 157 -7.12 -0.37 6.55
CA PRO A 157 -6.15 -0.63 5.51
C PRO A 157 -6.72 -1.37 4.29
N SER A 158 -7.56 -2.39 4.54
CA SER A 158 -8.18 -3.16 3.45
C SER A 158 -9.25 -2.38 2.71
N SER A 159 -9.67 -1.25 3.24
CA SER A 159 -10.60 -0.40 2.53
C SER A 159 -9.94 0.81 1.85
N ALA A 160 -8.60 0.90 1.89
CA ALA A 160 -7.92 2.07 1.32
C ALA A 160 -8.06 2.20 -0.21
N ILE A 161 -7.99 1.09 -0.94
CA ILE A 161 -8.28 1.11 -2.38
C ILE A 161 -9.74 1.50 -2.71
N GLU A 162 -10.72 0.86 -2.06
CA GLU A 162 -12.13 1.27 -2.18
C GLU A 162 -12.26 2.76 -1.87
N PHE A 163 -11.64 3.20 -0.79
CA PHE A 163 -11.66 4.63 -0.46
C PHE A 163 -11.13 5.53 -1.61
N ALA A 164 -9.93 5.25 -2.12
CA ALA A 164 -9.34 6.06 -3.17
C ALA A 164 -10.16 6.03 -4.48
N LEU A 165 -10.76 4.88 -4.77
CA LEU A 165 -11.57 4.73 -5.98
C LEU A 165 -12.79 5.62 -5.89
N LYS A 166 -13.36 5.75 -4.68
CA LYS A 166 -14.53 6.62 -4.48
C LYS A 166 -14.05 8.03 -4.70
N LEU A 167 -12.87 8.37 -4.18
CA LEU A 167 -12.31 9.68 -4.44
C LEU A 167 -12.16 9.96 -5.94
N ILE A 168 -11.76 8.96 -6.72
CA ILE A 168 -11.66 9.14 -8.17
C ILE A 168 -13.04 9.40 -8.72
N GLU A 169 -14.01 8.57 -8.32
CA GLU A 169 -15.36 8.72 -8.81
C GLU A 169 -15.91 10.11 -8.54
N VAL A 170 -15.73 10.61 -7.33
CA VAL A 170 -16.28 11.94 -7.02
C VAL A 170 -15.49 13.09 -7.66
N LEU A 171 -14.15 13.02 -7.70
CA LEU A 171 -13.32 14.07 -8.33
C LEU A 171 -13.29 14.00 -9.89
N TYR A 172 -13.46 12.80 -10.46
CA TYR A 172 -13.55 12.62 -11.93
C TYR A 172 -14.97 12.15 -12.26
N ASN A 173 -15.15 10.86 -12.52
CA ASN A 173 -16.48 10.30 -12.61
C ASN A 173 -16.33 8.79 -12.44
N LYS A 174 -17.47 8.12 -12.45
CA LYS A 174 -17.53 6.73 -12.18
C LYS A 174 -16.77 5.95 -13.24
N GLU A 175 -16.86 6.40 -14.48
CA GLU A 175 -16.18 5.68 -15.54
C GLU A 175 -14.64 5.74 -15.35
N GLN A 176 -14.12 6.86 -14.86
CA GLN A 176 -12.67 6.91 -14.60
C GLN A 176 -12.31 5.98 -13.44
N ALA A 177 -13.13 5.93 -12.40
CA ALA A 177 -12.86 5.06 -11.26
C ALA A 177 -12.84 3.59 -11.63
N LYS A 178 -13.75 3.17 -12.54
CA LYS A 178 -13.82 1.78 -13.03
C LYS A 178 -12.58 1.41 -13.85
N LYS A 179 -12.07 2.33 -14.64
CA LYS A 179 -10.80 2.09 -15.31
C LYS A 179 -9.68 1.82 -14.31
N ILE A 180 -9.60 2.61 -13.24
CA ILE A 180 -8.56 2.41 -12.29
C ILE A 180 -8.84 1.16 -11.44
N ALA A 181 -10.10 0.87 -11.17
CA ALA A 181 -10.40 -0.39 -10.53
C ALA A 181 -9.89 -1.59 -11.37
N ALA A 182 -10.08 -1.57 -12.68
CA ALA A 182 -9.58 -2.64 -13.52
C ALA A 182 -8.07 -2.74 -13.49
N GLN A 183 -7.38 -1.60 -13.54
CA GLN A 183 -5.90 -1.64 -13.40
C GLN A 183 -5.43 -2.39 -12.14
N LEU A 184 -6.00 -2.06 -11.00
CA LEU A 184 -5.69 -2.69 -9.69
C LEU A 184 -6.31 -4.08 -9.48
N LEU A 185 -7.24 -4.46 -10.36
CA LEU A 185 -7.91 -5.76 -10.36
C LEU A 185 -8.94 -5.82 -9.25
N TYR A 186 -9.55 -4.69 -8.96
CA TYR A 186 -10.52 -4.58 -7.91
C TYR A 186 -11.87 -4.87 -8.55
N ALA A 187 -12.55 -5.90 -8.08
CA ALA A 187 -13.84 -6.27 -8.68
C ALA A 187 -14.93 -5.25 -8.26
N TYR A 188 -15.11 -4.19 -9.08
CA TYR A 188 -15.86 -2.94 -8.73
C TYR A 188 -17.35 -3.04 -9.02
N ALA B 5 10.36 -16.55 15.51
CA ALA B 5 11.03 -15.51 14.64
C ALA B 5 11.03 -15.97 13.18
N VAL B 6 10.36 -15.20 12.34
CA VAL B 6 10.30 -15.43 10.92
C VAL B 6 10.96 -14.23 10.26
N LYS B 7 11.81 -14.50 9.27
CA LYS B 7 12.59 -13.45 8.59
C LYS B 7 12.25 -13.43 7.09
N VAL B 8 11.87 -12.27 6.56
CA VAL B 8 11.43 -12.16 5.17
C VAL B 8 12.18 -11.06 4.45
N LEU B 9 12.59 -11.34 3.22
CA LEU B 9 13.21 -10.31 2.38
C LEU B 9 12.18 -9.81 1.36
N VAL B 10 12.02 -8.51 1.26
CA VAL B 10 11.24 -7.93 0.21
C VAL B 10 12.16 -7.04 -0.61
N PRO B 11 12.56 -7.50 -1.83
CA PRO B 11 13.38 -6.65 -2.70
C PRO B 11 12.53 -5.53 -3.33
N VAL B 12 13.17 -4.38 -3.51
CA VAL B 12 12.51 -3.25 -4.14
C VAL B 12 13.41 -2.60 -5.19
N ALA B 13 12.78 -2.07 -6.23
CA ALA B 13 13.48 -1.53 -7.34
C ALA B 13 12.77 -0.26 -7.72
N HIS B 14 13.46 0.59 -8.48
CA HIS B 14 12.75 1.64 -9.20
C HIS B 14 11.66 0.95 -10.01
N ASP B 15 10.50 1.59 -10.03
CA ASP B 15 9.29 1.12 -10.73
C ASP B 15 8.69 -0.18 -10.22
N SER B 16 9.03 -0.54 -8.98
CA SER B 16 8.23 -1.47 -8.24
C SER B 16 6.81 -0.92 -7.95
N GLU B 17 5.79 -1.79 -7.92
CA GLU B 17 4.43 -1.40 -7.57
C GLU B 17 4.32 -1.14 -6.06
N GLU B 18 4.06 0.11 -5.70
CA GLU B 18 4.17 0.55 -4.32
C GLU B 18 3.09 -0.02 -3.38
N ILE B 19 1.86 -0.15 -3.86
CA ILE B 19 0.82 -0.73 -3.06
C ILE B 19 1.24 -2.12 -2.74
N GLU B 20 1.78 -2.85 -3.70
CA GLU B 20 2.18 -4.23 -3.49
C GLU B 20 3.39 -4.38 -2.55
N ALA B 21 4.42 -3.61 -2.77
CA ALA B 21 5.55 -3.65 -1.87
C ALA B 21 5.21 -3.37 -0.38
N VAL B 22 4.49 -2.25 -0.16
CA VAL B 22 4.16 -1.77 1.18
C VAL B 22 3.07 -2.65 1.80
N SER B 23 2.12 -3.11 1.03
CA SER B 23 1.20 -4.13 1.56
C SER B 23 1.91 -5.37 2.12
N ILE B 24 2.90 -5.86 1.38
CA ILE B 24 3.62 -7.04 1.80
C ILE B 24 4.35 -6.69 3.10
N ILE B 25 5.06 -5.58 3.10
CA ILE B 25 5.92 -5.23 4.23
C ILE B 25 5.17 -4.96 5.52
N ASP B 26 4.14 -4.18 5.42
CA ASP B 26 3.32 -3.74 6.54
C ASP B 26 2.59 -4.96 7.09
N THR B 27 1.92 -5.71 6.22
CA THR B 27 1.19 -6.87 6.69
C THR B 27 2.06 -7.94 7.42
N LEU B 28 3.27 -8.19 6.93
CA LEU B 28 4.12 -9.20 7.55
C LEU B 28 4.67 -8.70 8.87
N ARG B 29 5.08 -7.43 8.89
CA ARG B 29 5.58 -6.85 10.14
C ARG B 29 4.49 -6.89 11.19
N ARG B 30 3.22 -6.64 10.82
CA ARG B 30 2.13 -6.79 11.80
C ARG B 30 2.11 -8.17 12.40
N ALA B 31 2.49 -9.18 11.63
CA ALA B 31 2.50 -10.52 12.13
C ALA B 31 3.72 -10.82 13.06
N GLY B 32 4.64 -9.87 13.18
CA GLY B 32 5.83 -9.99 13.98
C GLY B 32 7.06 -10.39 13.17
N ALA B 33 6.96 -10.52 11.84
CA ALA B 33 8.14 -10.90 11.07
C ALA B 33 9.16 -9.79 11.07
N GLU B 34 10.41 -10.17 10.97
CA GLU B 34 11.46 -9.24 10.66
C GLU B 34 11.50 -9.18 9.13
N VAL B 35 11.14 -8.04 8.59
CA VAL B 35 11.16 -7.85 7.17
C VAL B 35 12.32 -6.94 6.82
N VAL B 36 13.10 -7.36 5.83
CA VAL B 36 14.23 -6.55 5.33
C VAL B 36 13.86 -6.09 3.91
N VAL B 37 13.59 -4.79 3.81
CA VAL B 37 13.32 -4.13 2.56
C VAL B 37 14.71 -3.83 1.99
N ALA B 38 15.00 -4.44 0.86
CA ALA B 38 16.33 -4.38 0.24
C ALA B 38 16.21 -3.87 -1.17
N SER B 39 16.82 -2.72 -1.39
CA SER B 39 16.95 -2.12 -2.71
C SER B 39 17.86 -2.92 -3.63
N VAL B 40 17.40 -3.17 -4.85
CA VAL B 40 18.26 -3.73 -5.90
C VAL B 40 18.91 -2.65 -6.74
N GLU B 41 18.82 -1.40 -6.33
CA GLU B 41 19.37 -0.28 -7.08
C GLU B 41 20.67 0.17 -6.45
N ASP B 42 21.30 1.17 -7.02
CA ASP B 42 22.55 1.59 -6.43
C ASP B 42 22.34 2.71 -5.38
N THR B 43 21.09 2.99 -5.04
CA THR B 43 20.71 3.79 -3.89
C THR B 43 19.72 3.01 -3.03
N GLU B 44 19.73 3.31 -1.73
CA GLU B 44 18.71 2.79 -0.81
C GLU B 44 17.31 3.32 -1.15
N ILE B 45 17.23 4.57 -1.61
CA ILE B 45 15.93 5.13 -2.02
C ILE B 45 15.53 4.68 -3.43
N VAL B 46 14.37 4.05 -3.56
CA VAL B 46 13.81 3.73 -4.82
C VAL B 46 12.56 4.55 -5.12
N ARG B 47 12.37 4.86 -6.38
CA ARG B 47 11.27 5.62 -6.89
C ARG B 47 10.34 4.64 -7.57
N MET B 48 9.27 4.32 -6.87
CA MET B 48 8.34 3.31 -7.30
C MET B 48 7.48 3.78 -8.47
N SER B 49 6.63 2.88 -8.98
CA SER B 49 6.00 3.06 -10.32
C SER B 49 5.14 4.29 -10.42
N ARG B 50 4.46 4.63 -9.33
CA ARG B 50 3.65 5.83 -9.28
C ARG B 50 4.31 6.89 -8.43
N GLY B 51 5.65 6.93 -8.46
CA GLY B 51 6.42 8.01 -7.85
C GLY B 51 6.55 8.01 -6.35
N VAL B 52 5.99 7.03 -5.62
CA VAL B 52 6.22 6.95 -4.17
C VAL B 52 7.72 6.58 -3.90
N CYS B 53 8.44 7.41 -3.16
CA CYS B 53 9.85 7.17 -2.86
C CYS B 53 10.02 6.53 -1.53
N VAL B 54 10.62 5.33 -1.55
CA VAL B 54 10.80 4.50 -0.38
C VAL B 54 12.26 4.28 -0.12
N LYS B 55 12.64 4.50 1.12
CA LYS B 55 14.00 4.33 1.51
C LYS B 55 14.09 2.94 2.09
N ALA B 56 14.79 2.06 1.36
CA ALA B 56 14.96 0.66 1.73
C ALA B 56 15.82 0.58 2.96
N ASP B 57 15.66 -0.51 3.73
CA ASP B 57 16.44 -0.78 4.94
C ASP B 57 17.91 -1.01 4.56
N LYS B 58 18.12 -1.67 3.42
CA LYS B 58 19.45 -2.15 2.99
C LYS B 58 19.51 -2.24 1.46
N LEU B 59 20.73 -2.17 0.94
CA LEU B 59 21.03 -2.58 -0.41
C LEU B 59 21.14 -4.10 -0.45
N ILE B 60 20.67 -4.69 -1.54
CA ILE B 60 20.64 -6.15 -1.63
C ILE B 60 22.02 -6.76 -1.53
N SER B 61 23.02 -6.10 -2.11
CA SER B 61 24.39 -6.55 -2.01
C SER B 61 24.83 -6.69 -0.54
N ALA B 62 24.30 -5.88 0.38
CA ALA B 62 24.64 -6.01 1.80
C ALA B 62 24.05 -7.23 2.50
N VAL B 63 23.10 -7.92 1.89
CA VAL B 63 22.48 -9.05 2.57
C VAL B 63 22.53 -10.30 1.72
N GLU B 64 23.37 -10.29 0.68
CA GLU B 64 23.40 -11.35 -0.28
C GLU B 64 23.72 -12.70 0.34
N ASN B 65 24.50 -12.73 1.41
CA ASN B 65 24.81 -13.99 2.09
C ASN B 65 23.89 -14.28 3.26
N GLU B 66 22.84 -13.50 3.47
CA GLU B 66 21.93 -13.76 4.58
C GLU B 66 20.90 -14.81 4.14
N THR B 67 20.27 -15.42 5.13
CA THR B 67 19.20 -16.39 4.93
C THR B 67 17.87 -15.95 5.49
N TYR B 68 16.79 -16.17 4.73
CA TYR B 68 15.44 -15.73 5.02
C TYR B 68 14.53 -16.94 4.91
N ASP B 69 13.49 -16.93 5.71
CA ASP B 69 12.46 -17.95 5.61
C ASP B 69 11.60 -17.76 4.36
N CYS B 70 11.55 -16.53 3.83
CA CYS B 70 10.74 -16.22 2.66
C CYS B 70 11.34 -15.05 1.92
N ILE B 71 11.29 -15.10 0.59
CA ILE B 71 11.59 -13.95 -0.23
C ILE B 71 10.34 -13.64 -0.99
N ALA B 72 9.84 -12.42 -0.84
CA ALA B 72 8.53 -12.03 -1.38
C ALA B 72 8.75 -10.85 -2.30
N ILE B 73 8.42 -11.07 -3.59
CA ILE B 73 8.75 -10.11 -4.67
C ILE B 73 7.54 -9.31 -5.14
N PRO B 74 7.59 -7.97 -4.92
CA PRO B 74 6.58 -7.05 -5.46
C PRO B 74 6.58 -6.99 -7.00
N GLY B 75 5.44 -6.61 -7.59
CA GLY B 75 5.31 -6.45 -9.04
C GLY B 75 5.70 -5.05 -9.50
N GLY B 76 5.01 -4.54 -10.53
CA GLY B 76 5.34 -3.28 -11.14
C GLY B 76 6.17 -3.55 -12.36
N MET B 77 6.00 -2.75 -13.39
CA MET B 77 6.87 -2.80 -14.58
C MET B 77 7.26 -1.38 -14.93
N PRO B 78 8.54 -1.17 -15.25
CA PRO B 78 9.64 -2.12 -15.36
C PRO B 78 10.22 -2.65 -14.05
N GLY B 79 9.60 -2.42 -12.91
CA GLY B 79 10.19 -2.90 -11.65
C GLY B 79 10.55 -4.37 -11.60
N ALA B 80 9.62 -5.22 -12.01
CA ALA B 80 9.88 -6.64 -12.04
C ALA B 80 11.08 -6.94 -12.92
N GLU B 81 11.25 -6.24 -14.01
CA GLU B 81 12.41 -6.50 -14.87
C GLU B 81 13.71 -6.14 -14.17
N ARG B 82 13.70 -5.11 -13.36
CA ARG B 82 14.92 -4.65 -12.65
C ARG B 82 15.29 -5.66 -11.54
N CYS B 83 14.25 -6.25 -10.92
CA CYS B 83 14.43 -7.35 -9.99
C CYS B 83 14.96 -8.55 -10.71
N ARG B 84 14.35 -8.91 -11.85
CA ARG B 84 14.82 -10.00 -12.70
C ARG B 84 16.32 -9.87 -13.02
N ASP B 85 16.73 -8.65 -13.36
CA ASP B 85 18.07 -8.38 -13.88
C ASP B 85 19.06 -8.09 -12.77
N SER B 86 18.63 -8.12 -11.50
CA SER B 86 19.56 -8.11 -10.36
C SER B 86 20.27 -9.45 -10.14
N ALA B 87 21.59 -9.44 -10.34
CA ALA B 87 22.38 -10.67 -10.16
C ALA B 87 22.31 -11.16 -8.70
N ALA B 88 22.47 -10.25 -7.77
CA ALA B 88 22.42 -10.60 -6.38
C ALA B 88 21.07 -11.28 -5.99
N LEU B 89 19.96 -10.64 -6.31
CA LEU B 89 18.64 -11.20 -6.00
C LEU B 89 18.44 -12.55 -6.68
N THR B 90 18.92 -12.69 -7.92
CA THR B 90 18.84 -13.95 -8.67
C THR B 90 19.59 -15.07 -7.95
N ALA B 91 20.80 -14.78 -7.48
CA ALA B 91 21.54 -15.76 -6.72
C ALA B 91 20.82 -16.11 -5.45
N MET B 92 20.35 -15.10 -4.73
CA MET B 92 19.60 -15.37 -3.48
C MET B 92 18.37 -16.27 -3.75
N LEU B 93 17.67 -15.98 -4.82
CA LEU B 93 16.44 -16.72 -5.12
C LEU B 93 16.80 -18.16 -5.40
N LYS B 94 17.84 -18.39 -6.18
CA LYS B 94 18.17 -19.75 -6.57
C LYS B 94 18.59 -20.57 -5.37
N THR B 95 19.33 -19.95 -4.48
CA THR B 95 19.83 -20.63 -3.28
C THR B 95 18.69 -20.95 -2.31
N HIS B 96 17.81 -19.95 -2.09
CA HIS B 96 16.69 -20.10 -1.18
C HIS B 96 15.72 -21.17 -1.73
N LYS B 97 15.53 -21.21 -3.05
CA LYS B 97 14.69 -22.26 -3.67
C LYS B 97 15.19 -23.68 -3.38
N ALA B 98 16.50 -23.88 -3.62
CA ALA B 98 17.14 -25.18 -3.36
C ALA B 98 17.17 -25.53 -1.89
N GLN B 99 17.23 -24.52 -1.01
CA GLN B 99 17.17 -24.71 0.44
C GLN B 99 15.78 -24.84 1.03
N GLY B 100 14.77 -24.99 0.18
CA GLY B 100 13.39 -25.23 0.67
C GLY B 100 12.69 -24.05 1.35
N LYS B 101 13.21 -22.83 1.20
CA LYS B 101 12.52 -21.63 1.70
C LYS B 101 11.31 -21.27 0.82
N LEU B 102 10.46 -20.38 1.31
CA LEU B 102 9.24 -19.95 0.63
C LEU B 102 9.53 -18.80 -0.31
N ILE B 103 9.27 -19.02 -1.60
CA ILE B 103 9.46 -18.01 -2.64
C ILE B 103 8.13 -17.52 -3.16
N ALA B 104 7.97 -16.19 -3.17
CA ALA B 104 6.70 -15.57 -3.43
C ALA B 104 6.84 -14.39 -4.36
N ALA B 105 5.80 -14.17 -5.14
CA ALA B 105 5.77 -13.06 -6.10
C ALA B 105 4.39 -12.68 -6.49
N ILE B 106 4.23 -11.40 -6.81
CA ILE B 106 2.93 -10.86 -7.18
C ILE B 106 3.02 -10.08 -8.50
N ALA B 108 3.39 -8.90 -12.12
CA ALA B 108 4.31 -9.32 -13.16
C ALA B 108 5.38 -10.33 -12.71
N SER B 109 5.84 -10.23 -11.46
CA SER B 109 7.09 -10.91 -11.03
C SER B 109 7.08 -12.44 -11.04
N PRO B 110 5.89 -13.08 -10.91
CA PRO B 110 5.88 -14.51 -11.13
C PRO B 110 6.37 -14.92 -12.51
N ALA B 111 6.05 -14.14 -13.54
CA ALA B 111 6.52 -14.41 -14.92
C ALA B 111 7.91 -13.79 -15.19
N VAL B 112 8.05 -12.53 -14.89
CA VAL B 112 9.25 -11.80 -15.26
C VAL B 112 10.45 -12.31 -14.49
N VAL B 113 10.25 -12.53 -13.21
CA VAL B 113 11.28 -13.03 -12.33
C VAL B 113 11.28 -14.53 -12.11
N LEU B 114 10.17 -15.11 -11.63
CA LEU B 114 10.26 -16.51 -11.17
C LEU B 114 10.44 -17.44 -12.37
N GLN B 115 9.58 -17.30 -13.38
CA GLN B 115 9.65 -18.14 -14.55
C GLN B 115 10.92 -17.89 -15.41
N THR B 116 11.29 -16.64 -15.65
CA THR B 116 12.55 -16.35 -16.36
C THR B 116 13.71 -17.14 -15.77
N HIS B 117 13.80 -17.23 -14.44
CA HIS B 117 14.92 -17.89 -13.76
C HIS B 117 14.70 -19.37 -13.48
N GLY B 118 13.65 -19.93 -14.09
CA GLY B 118 13.32 -21.34 -13.96
C GLY B 118 12.95 -21.76 -12.56
N LEU B 119 12.28 -20.92 -11.79
CA LEU B 119 12.02 -21.23 -10.38
C LEU B 119 10.67 -21.88 -10.14
N LEU B 120 9.90 -22.11 -11.20
CA LEU B 120 8.57 -22.61 -11.06
C LEU B 120 8.43 -24.01 -11.60
N GLN B 121 9.54 -24.75 -11.73
CA GLN B 121 9.47 -26.09 -12.36
C GLN B 121 8.65 -27.07 -11.56
N GLY B 122 7.72 -27.72 -12.24
CA GLY B 122 6.78 -28.57 -11.54
C GLY B 122 5.69 -27.91 -10.70
N GLU B 123 5.55 -26.61 -10.79
CA GLU B 123 4.64 -25.87 -9.93
C GLU B 123 3.49 -25.25 -10.75
N LYS B 124 2.51 -24.66 -10.08
CA LYS B 124 1.52 -23.76 -10.73
C LYS B 124 1.71 -22.37 -10.21
N ALA B 125 1.25 -21.39 -10.96
CA ALA B 125 1.42 -20.02 -10.60
C ALA B 125 0.45 -19.16 -11.34
N VAL B 126 0.24 -17.99 -10.78
CA VAL B 126 -0.64 -16.99 -11.34
C VAL B 126 0.17 -15.69 -11.42
N ALA B 127 -0.44 -14.67 -12.01
CA ALA B 127 0.24 -13.42 -12.25
C ALA B 127 -0.81 -12.45 -12.75
N TYR B 128 -0.41 -11.22 -12.91
CA TYR B 128 -1.25 -10.23 -13.53
C TYR B 128 -1.69 -10.81 -14.86
N PRO B 129 -3.03 -10.84 -15.13
CA PRO B 129 -3.59 -11.67 -16.17
C PRO B 129 -2.86 -11.56 -17.51
N CYS B 130 -2.43 -10.38 -17.91
CA CYS B 130 -1.71 -10.26 -19.18
CA CYS B 130 -1.72 -10.28 -19.20
C CYS B 130 -0.44 -11.10 -19.24
N PHE B 131 0.10 -11.49 -18.10
CA PHE B 131 1.32 -12.24 -18.10
C PHE B 131 1.08 -13.73 -18.01
N MET B 132 -0.16 -14.16 -17.97
CA MET B 132 -0.43 -15.57 -17.85
C MET B 132 0.04 -16.45 -19.02
N ASP B 133 0.24 -15.88 -20.22
CA ASP B 133 0.81 -16.68 -21.32
C ASP B 133 2.31 -16.77 -21.31
N GLN B 134 2.95 -16.11 -20.37
CA GLN B 134 4.40 -16.28 -20.17
C GLN B 134 4.70 -17.64 -19.48
N PHE B 135 3.62 -18.30 -19.05
CA PHE B 135 3.67 -19.61 -18.44
C PHE B 135 3.22 -20.64 -19.45
N PRO B 136 3.95 -21.79 -19.55
CA PRO B 136 3.39 -22.97 -20.22
C PRO B 136 2.01 -23.32 -19.69
N ALA B 137 1.14 -23.86 -20.53
CA ALA B 137 -0.25 -24.13 -20.13
C ALA B 137 -0.39 -24.91 -18.80
N ASP B 138 0.46 -25.91 -18.60
CA ASP B 138 0.36 -26.80 -17.43
C ASP B 138 0.92 -26.19 -16.15
N MET B 139 1.55 -25.01 -16.24
CA MET B 139 1.93 -24.31 -15.03
C MET B 139 0.97 -23.15 -14.65
N ARG B 140 -0.06 -22.91 -15.48
CA ARG B 140 -1.03 -21.88 -15.16
C ARG B 140 -1.91 -22.37 -14.03
N GLY B 141 -1.85 -21.68 -12.91
CA GLY B 141 -2.66 -22.00 -11.76
C GLY B 141 -3.93 -21.17 -11.75
N GLU B 142 -4.63 -21.18 -10.63
CA GLU B 142 -5.85 -20.41 -10.47
C GLU B 142 -5.86 -19.63 -9.15
N GLY B 143 -6.67 -18.58 -9.14
CA GLY B 143 -6.95 -17.80 -7.97
C GLY B 143 -6.25 -16.48 -7.99
N ARG B 144 -6.72 -15.58 -7.15
CA ARG B 144 -6.10 -14.31 -6.95
C ARG B 144 -4.80 -14.55 -6.16
N VAL B 145 -4.81 -15.63 -5.36
CA VAL B 145 -3.61 -16.14 -4.69
C VAL B 145 -3.49 -17.63 -5.01
N CYS B 146 -2.31 -18.10 -5.40
CA CYS B 146 -2.11 -19.49 -5.75
C CYS B 146 -0.97 -20.07 -4.92
N VAL B 147 -1.26 -21.08 -4.11
CA VAL B 147 -0.19 -21.77 -3.42
C VAL B 147 0.20 -23.01 -4.21
N SER B 148 1.49 -23.15 -4.52
CA SER B 148 2.03 -24.39 -5.13
C SER B 148 3.31 -24.83 -4.40
N ASN B 149 3.15 -25.80 -3.49
CA ASN B 149 4.23 -26.28 -2.65
C ASN B 149 4.88 -25.08 -1.97
N LYS B 150 6.12 -24.78 -2.28
CA LYS B 150 6.81 -23.67 -1.63
C LYS B 150 6.80 -22.38 -2.45
N ILE B 151 5.91 -22.36 -3.45
CA ILE B 151 5.70 -21.15 -4.24
C ILE B 151 4.33 -20.59 -3.91
N VAL B 152 4.35 -19.28 -3.66
CA VAL B 152 3.11 -18.51 -3.52
C VAL B 152 3.07 -17.35 -4.52
N THR B 153 2.02 -17.34 -5.34
CA THR B 153 1.90 -16.23 -6.28
C THR B 153 0.56 -15.53 -6.17
N SER B 154 0.53 -14.31 -6.74
CA SER B 154 -0.70 -13.51 -6.68
C SER B 154 -0.77 -12.44 -7.77
N VAL B 155 -1.94 -11.82 -7.93
CA VAL B 155 -2.27 -11.22 -9.25
C VAL B 155 -2.04 -9.73 -9.41
N GLY B 156 -2.29 -8.93 -8.38
CA GLY B 156 -2.21 -7.50 -8.54
C GLY B 156 -2.43 -6.68 -7.30
N PRO B 157 -2.55 -5.37 -7.48
CA PRO B 157 -2.48 -4.50 -6.33
C PRO B 157 -3.55 -4.74 -5.29
N SER B 158 -4.79 -4.97 -5.77
CA SER B 158 -5.92 -5.25 -4.84
C SER B 158 -5.86 -6.62 -4.20
N SER B 159 -4.99 -7.49 -4.70
CA SER B 159 -4.81 -8.80 -4.08
C SER B 159 -3.53 -8.87 -3.20
N ALA B 160 -2.87 -7.73 -2.99
CA ALA B 160 -1.61 -7.73 -2.23
C ALA B 160 -1.81 -8.04 -0.76
N ILE B 161 -2.89 -7.56 -0.15
CA ILE B 161 -3.22 -7.95 1.23
C ILE B 161 -3.55 -9.45 1.35
N GLU B 162 -4.45 -9.96 0.50
CA GLU B 162 -4.77 -11.41 0.46
C GLU B 162 -3.45 -12.21 0.29
N PHE B 163 -2.62 -11.78 -0.64
CA PHE B 163 -1.33 -12.42 -0.82
C PHE B 163 -0.53 -12.48 0.48
N ALA B 164 -0.31 -11.33 1.12
CA ALA B 164 0.50 -11.28 2.34
C ALA B 164 -0.11 -12.09 3.51
N LEU B 165 -1.44 -12.12 3.59
CA LEU B 165 -2.11 -12.90 4.61
C LEU B 165 -1.89 -14.38 4.41
N LYS B 166 -1.88 -14.82 3.15
CA LYS B 166 -1.58 -16.21 2.87
C LYS B 166 -0.13 -16.51 3.31
N LEU B 167 0.79 -15.60 3.02
CA LEU B 167 2.14 -15.75 3.46
C LEU B 167 2.22 -15.91 4.98
N ILE B 168 1.40 -15.14 5.72
CA ILE B 168 1.36 -15.26 7.17
C ILE B 168 0.89 -16.64 7.51
N GLU B 169 -0.19 -17.07 6.88
CA GLU B 169 -0.76 -18.40 7.17
C GLU B 169 0.25 -19.50 6.95
N VAL B 170 0.97 -19.44 5.83
CA VAL B 170 1.98 -20.45 5.50
C VAL B 170 3.18 -20.41 6.44
N LEU B 171 3.71 -19.22 6.71
CA LEU B 171 4.92 -19.05 7.56
C LEU B 171 4.61 -19.16 9.07
N TYR B 172 3.37 -18.83 9.46
CA TYR B 172 2.95 -18.94 10.87
C TYR B 172 1.87 -19.97 10.94
N ASN B 173 0.63 -19.55 11.03
CA ASN B 173 -0.52 -20.47 10.87
C ASN B 173 -1.74 -19.61 10.58
N LYS B 174 -2.85 -20.30 10.36
CA LYS B 174 -4.07 -19.66 9.93
C LYS B 174 -4.61 -18.76 11.01
N GLU B 175 -4.41 -19.16 12.26
CA GLU B 175 -4.82 -18.30 13.39
C GLU B 175 -4.03 -16.95 13.42
N GLN B 176 -2.73 -16.96 13.12
CA GLN B 176 -2.00 -15.70 13.09
C GLN B 176 -2.47 -14.84 11.92
N ALA B 177 -2.75 -15.45 10.77
CA ALA B 177 -3.25 -14.71 9.61
C ALA B 177 -4.61 -14.04 9.85
N LYS B 178 -5.48 -14.74 10.57
CA LYS B 178 -6.81 -14.30 10.92
C LYS B 178 -6.72 -13.10 11.86
N LYS B 179 -5.77 -13.11 12.78
CA LYS B 179 -5.55 -11.92 13.63
C LYS B 179 -5.16 -10.71 12.78
N ILE B 180 -4.24 -10.89 11.85
CA ILE B 180 -3.77 -9.75 11.06
C ILE B 180 -4.86 -9.35 10.08
N ALA B 181 -5.63 -10.30 9.55
CA ALA B 181 -6.81 -9.92 8.75
C ALA B 181 -7.71 -8.99 9.55
N ALA B 182 -7.95 -9.31 10.81
CA ALA B 182 -8.84 -8.49 11.61
C ALA B 182 -8.26 -7.10 11.84
N GLN B 183 -6.96 -7.00 12.13
CA GLN B 183 -6.35 -5.69 12.22
C GLN B 183 -6.60 -4.79 11.00
N LEU B 184 -6.40 -5.34 9.80
CA LEU B 184 -6.61 -4.65 8.49
C LEU B 184 -8.06 -4.51 8.05
N LEU B 185 -8.95 -5.24 8.72
CA LEU B 185 -10.40 -5.27 8.45
C LEU B 185 -10.73 -5.99 7.18
N TYR B 186 -9.96 -7.02 6.91
CA TYR B 186 -10.12 -7.79 5.71
C TYR B 186 -11.11 -8.94 5.99
N ALA B 187 -12.13 -9.08 5.17
CA ALA B 187 -13.13 -10.14 5.38
C ALA B 187 -12.58 -11.55 4.98
N TYR B 188 -11.98 -12.25 5.96
CA TYR B 188 -11.13 -13.45 5.74
C TYR B 188 -11.89 -14.73 5.49
#